data_6DTF
#
_entry.id   6DTF
#
_cell.length_a   47.800
_cell.length_b   92.332
_cell.length_c   108.362
_cell.angle_alpha   90.000
_cell.angle_beta   90.000
_cell.angle_gamma   90.000
#
_symmetry.space_group_name_H-M   'P 21 21 21'
#
loop_
_entity.id
_entity.type
_entity.pdbx_description
1 polymer 'Periplasmic oligopeptide-binding protein'
2 polymer LYS-LYS-LYS
3 non-polymer 'SULFATE ION'
4 water water
#
loop_
_entity_poly.entity_id
_entity_poly.type
_entity_poly.pdbx_seq_one_letter_code
_entity_poly.pdbx_strand_id
1 'polypeptide(L)'
;MVIVPEGTQLDEKQHIVINNGAEPQSFDPHKTEGVPESNVAYQLLEGLVTSDSEGKLQPGAAESWENTPDFKTWTFHLRK
DAKWSNGDPVTAHDFVFAWRRLVDPATAAPYASYLSYLQVENAQDIIDGKKKPAELGVEAKDDYTFVVHATNPVPYAVSL
TTHQSLLPLPQKVVEKLGDAWVKKENYVGNGAYKLANHIINEKIEFERNPLYWNDKETVINSATFLAIENPSTDVARYRA
GDLDMTSYGLPPEQFAKLKKELLGEVYVTRTLGTYSYELNNKKAPFDNVNIRKALNLSLDRNVITDKVLGQGQTPTYVFT
PTYIEEGHLIQQPAYSKEPMAQRNEEAIKLLEEAGYSKANPLKFSILYNTNENHKKVAIAAASMWKANTKGLIDVKLENQ
EWKTYIDSRRAGRYDVARAGWHADYNQATTFGNYFLSNSSNNTAKYANPEYDKAMAESYAATDAEGRAKAYAKAEEILGK
DYGIVPIFNYVNPRLVKPYVKGYSGKDPQDHIYLRNLYIIKHLEHHHHHH
;
A
2 'polypeptide(L)' KKK B
#
# COMPACT_ATOMS: atom_id res chain seq x y z
N THR A 8 29.96 8.51 11.58
CA THR A 8 31.10 8.66 12.53
C THR A 8 32.03 7.44 12.42
N GLN A 9 31.55 6.25 12.86
CA GLN A 9 32.35 4.98 12.93
C GLN A 9 31.59 3.83 12.25
N LEU A 10 31.77 3.72 10.94
CA LEU A 10 31.11 2.69 10.14
C LEU A 10 31.70 1.31 10.45
N ASP A 11 30.83 0.30 10.52
CA ASP A 11 31.23 -1.08 10.70
C ASP A 11 31.84 -1.59 9.39
N GLU A 12 32.68 -2.61 9.51
CA GLU A 12 33.42 -3.12 8.39
C GLU A 12 32.50 -4.05 7.59
N LYS A 13 31.52 -4.67 8.24
CA LYS A 13 30.71 -5.71 7.57
C LYS A 13 29.61 -5.13 6.65
N GLN A 14 28.77 -4.26 7.19
CA GLN A 14 27.58 -3.71 6.47
C GLN A 14 26.68 -4.83 5.92
N HIS A 15 26.21 -5.67 6.84
CA HIS A 15 25.15 -6.63 6.59
C HIS A 15 23.95 -6.28 7.50
N ILE A 16 22.71 -6.48 7.01
CA ILE A 16 21.50 -6.21 7.79
C ILE A 16 20.43 -7.27 7.48
N VAL A 17 19.70 -7.67 8.53
CA VAL A 17 18.58 -8.58 8.46
C VAL A 17 17.32 -7.83 8.86
N ILE A 18 16.32 -7.86 7.97
CA ILE A 18 15.06 -7.16 8.12
C ILE A 18 13.94 -8.18 7.95
N ASN A 19 12.96 -8.12 8.86
CA ASN A 19 11.74 -8.86 8.65
C ASN A 19 10.89 -8.15 7.61
N ASN A 20 10.61 -8.88 6.52
CA ASN A 20 9.74 -8.36 5.45
C ASN A 20 8.31 -8.89 5.66
N GLY A 21 8.10 -9.84 6.60
CA GLY A 21 6.76 -10.14 7.16
C GLY A 21 5.95 -11.22 6.46
N ALA A 22 6.26 -11.51 5.19
CA ALA A 22 5.55 -12.49 4.39
C ALA A 22 6.35 -12.80 3.12
N GLU A 23 6.05 -13.95 2.54
CA GLU A 23 6.52 -14.30 1.25
C GLU A 23 5.81 -13.42 0.23
N PRO A 24 6.53 -12.65 -0.59
CA PRO A 24 5.90 -11.79 -1.60
C PRO A 24 5.22 -12.61 -2.70
N GLN A 25 4.14 -12.04 -3.27
CA GLN A 25 3.41 -12.73 -4.35
C GLN A 25 4.33 -12.93 -5.56
N SER A 26 5.18 -11.94 -5.86
CA SER A 26 5.96 -11.90 -7.09
C SER A 26 7.04 -10.82 -6.97
N PHE A 27 8.11 -10.94 -7.77
CA PHE A 27 9.10 -9.87 -7.85
C PHE A 27 8.88 -9.01 -9.11
N ASP A 28 7.74 -9.22 -9.78
CA ASP A 28 7.34 -8.47 -10.98
C ASP A 28 6.45 -7.33 -10.51
N PRO A 29 6.85 -6.05 -10.63
CA PRO A 29 6.08 -4.96 -10.06
C PRO A 29 4.76 -4.72 -10.79
N HIS A 30 4.54 -5.45 -11.89
CA HIS A 30 3.23 -5.34 -12.55
C HIS A 30 2.24 -6.39 -12.07
N LYS A 31 2.71 -7.35 -11.28
CA LYS A 31 1.89 -8.49 -10.88
C LYS A 31 1.49 -8.39 -9.40
N THR A 32 1.79 -7.27 -8.74
CA THR A 32 1.71 -7.23 -7.30
C THR A 32 1.07 -5.93 -6.86
N GLU A 33 0.69 -5.85 -5.58
CA GLU A 33 0.04 -4.62 -5.07
C GLU A 33 0.30 -4.42 -3.58
N GLY A 34 1.25 -5.18 -3.00
CA GLY A 34 1.44 -5.21 -1.54
C GLY A 34 2.76 -4.62 -1.04
N VAL A 35 2.83 -4.40 0.27
CA VAL A 35 4.04 -3.92 0.93
C VAL A 35 5.20 -4.92 0.84
N PRO A 36 5.04 -6.22 1.16
CA PRO A 36 6.19 -7.13 1.04
C PRO A 36 6.80 -7.06 -0.37
N GLU A 37 5.95 -6.96 -1.39
CA GLU A 37 6.38 -7.00 -2.79
C GLU A 37 7.10 -5.69 -3.15
N SER A 38 6.58 -4.54 -2.69
CA SER A 38 7.21 -3.27 -3.00
C SER A 38 8.56 -3.13 -2.30
N ASN A 39 8.68 -3.66 -1.07
CA ASN A 39 9.92 -3.65 -0.32
C ASN A 39 11.03 -4.38 -1.11
N VAL A 40 10.65 -5.45 -1.80
CA VAL A 40 11.66 -6.17 -2.57
C VAL A 40 11.97 -5.39 -3.86
N ALA A 41 10.92 -4.97 -4.55
CA ALA A 41 11.06 -4.33 -5.84
C ALA A 41 11.86 -3.03 -5.69
N TYR A 42 11.70 -2.34 -4.55
CA TYR A 42 12.42 -1.07 -4.35
C TYR A 42 13.94 -1.27 -4.17
N GLN A 43 14.40 -2.49 -3.84
CA GLN A 43 15.83 -2.79 -3.77
C GLN A 43 16.41 -3.09 -5.15
N LEU A 44 15.59 -3.66 -6.04
CA LEU A 44 16.08 -4.23 -7.30
C LEU A 44 15.92 -3.29 -8.51
N LEU A 45 14.97 -2.36 -8.42
CA LEU A 45 14.59 -1.48 -9.50
C LEU A 45 14.47 -0.05 -8.94
N GLU A 46 14.55 0.94 -9.82
CA GLU A 46 14.39 2.36 -9.42
C GLU A 46 13.68 3.13 -10.53
N GLY A 47 12.62 3.83 -10.15
CA GLY A 47 11.90 4.63 -11.09
C GLY A 47 12.52 6.01 -11.27
N LEU A 48 11.72 6.90 -11.86
CA LEU A 48 12.24 8.20 -12.32
C LEU A 48 12.84 8.96 -11.13
N VAL A 49 12.15 8.86 -10.00
CA VAL A 49 12.42 9.58 -8.80
C VAL A 49 12.26 8.60 -7.64
N THR A 50 13.00 8.85 -6.56
CA THR A 50 13.04 8.01 -5.37
C THR A 50 13.06 8.91 -4.13
N SER A 51 13.31 8.32 -2.96
CA SER A 51 13.07 8.95 -1.63
C SER A 51 14.28 8.79 -0.72
N ASP A 52 14.46 9.78 0.15
CA ASP A 52 15.37 9.67 1.28
C ASP A 52 14.65 8.99 2.44
N SER A 53 15.37 8.87 3.56
CA SER A 53 14.91 8.23 4.78
C SER A 53 13.63 8.86 5.37
N GLU A 54 13.32 10.10 5.00
CA GLU A 54 12.09 10.79 5.49
C GLU A 54 11.01 10.88 4.40
N GLY A 55 11.20 10.23 3.26
CA GLY A 55 10.22 10.26 2.21
C GLY A 55 10.28 11.48 1.30
N LYS A 56 11.33 12.29 1.43
CA LYS A 56 11.52 13.46 0.56
C LYS A 56 12.11 13.00 -0.78
N LEU A 57 11.73 13.67 -1.86
CA LEU A 57 12.00 13.15 -3.21
C LEU A 57 13.41 13.54 -3.63
N GLN A 58 14.10 12.60 -4.29
CA GLN A 58 15.41 12.87 -4.83
C GLN A 58 15.54 12.14 -6.17
N PRO A 59 16.55 12.49 -7.00
CA PRO A 59 16.72 11.90 -8.33
C PRO A 59 16.88 10.39 -8.26
N GLY A 60 16.21 9.71 -9.17
CA GLY A 60 16.34 8.27 -9.39
C GLY A 60 16.99 8.04 -10.73
N ALA A 61 16.25 7.39 -11.63
CA ALA A 61 16.73 7.11 -12.96
C ALA A 61 16.77 8.39 -13.80
N ALA A 62 15.99 9.39 -13.37
CA ALA A 62 15.97 10.72 -13.95
C ALA A 62 16.86 11.63 -13.11
N GLU A 63 17.81 12.31 -13.76
CA GLU A 63 18.70 13.20 -13.07
C GLU A 63 18.10 14.62 -12.98
N SER A 64 17.09 14.89 -13.79
CA SER A 64 16.45 16.21 -13.93
C SER A 64 15.06 16.00 -14.53
N TRP A 65 14.16 16.94 -14.29
CA TRP A 65 12.82 16.85 -14.80
C TRP A 65 12.19 18.22 -14.69
N GLU A 66 11.15 18.45 -15.49
CA GLU A 66 10.43 19.73 -15.43
C GLU A 66 8.98 19.51 -15.87
N ASN A 67 8.16 20.53 -15.68
CA ASN A 67 6.77 20.45 -16.04
C ASN A 67 6.40 21.75 -16.73
N THR A 68 5.41 21.68 -17.63
CA THR A 68 4.79 22.88 -18.16
C THR A 68 3.97 23.56 -17.06
N PRO A 69 3.67 24.86 -17.15
CA PRO A 69 2.92 25.55 -16.10
C PRO A 69 1.49 25.05 -15.81
N ASP A 70 0.85 24.43 -16.81
CA ASP A 70 -0.51 23.83 -16.68
C ASP A 70 -0.48 22.46 -15.96
N PHE A 71 0.72 21.96 -15.61
CA PHE A 71 0.94 20.69 -14.87
C PHE A 71 0.50 19.48 -15.70
N LYS A 72 0.51 19.60 -17.03
CA LYS A 72 0.01 18.54 -17.88
C LYS A 72 1.14 17.82 -18.63
N THR A 73 2.30 18.45 -18.79
CA THR A 73 3.41 17.86 -19.50
C THR A 73 4.62 17.77 -18.56
N TRP A 74 5.16 16.55 -18.43
CA TRP A 74 6.23 16.26 -17.54
C TRP A 74 7.34 15.60 -18.33
N THR A 75 8.53 16.20 -18.27
CA THR A 75 9.70 15.80 -19.05
C THR A 75 10.79 15.30 -18.10
N PHE A 76 11.29 14.07 -18.33
CA PHE A 76 12.28 13.49 -17.46
C PHE A 76 13.56 13.26 -18.25
N HIS A 77 14.68 13.69 -17.69
CA HIS A 77 15.99 13.59 -18.35
C HIS A 77 16.75 12.43 -17.73
N LEU A 78 16.87 11.32 -18.48
CA LEU A 78 17.50 10.15 -17.91
C LEU A 78 19.02 10.24 -18.04
N ARG A 79 19.71 9.45 -17.24
CA ARG A 79 21.18 9.45 -17.15
C ARG A 79 21.77 8.75 -18.37
N LYS A 80 22.63 9.45 -19.12
CA LYS A 80 23.05 8.99 -20.44
C LYS A 80 23.90 7.72 -20.32
N ASP A 81 24.58 7.54 -19.20
CA ASP A 81 25.49 6.37 -19.05
C ASP A 81 24.92 5.30 -18.10
N ALA A 82 23.62 5.37 -17.75
CA ALA A 82 23.10 4.42 -16.73
C ALA A 82 22.85 3.07 -17.40
N LYS A 83 23.15 2.02 -16.66
CA LYS A 83 23.04 0.65 -17.16
C LYS A 83 22.19 -0.20 -16.23
N TRP A 84 21.50 -1.18 -16.83
CA TRP A 84 20.90 -2.27 -16.09
C TRP A 84 22.02 -3.12 -15.50
N SER A 85 21.67 -3.98 -14.56
CA SER A 85 22.61 -4.84 -13.83
C SER A 85 23.35 -5.78 -14.80
N ASN A 86 22.78 -6.05 -15.97
CA ASN A 86 23.45 -6.92 -16.95
C ASN A 86 24.29 -6.13 -17.96
N GLY A 87 24.32 -4.79 -17.85
CA GLY A 87 25.11 -3.90 -18.73
C GLY A 87 24.32 -3.26 -19.87
N ASP A 88 23.06 -3.67 -20.06
CA ASP A 88 22.23 -3.08 -21.05
C ASP A 88 22.03 -1.61 -20.65
N PRO A 89 21.88 -0.68 -21.61
CA PRO A 89 21.55 0.70 -21.27
C PRO A 89 20.12 0.86 -20.71
N VAL A 90 19.96 1.72 -19.70
CA VAL A 90 18.64 2.14 -19.24
C VAL A 90 18.24 3.31 -20.13
N THR A 91 17.14 3.16 -20.87
CA THR A 91 16.71 4.25 -21.74
C THR A 91 15.24 4.57 -21.48
N ALA A 92 14.81 5.65 -22.12
CA ALA A 92 13.41 6.09 -22.07
C ALA A 92 12.51 5.00 -22.65
N HIS A 93 13.04 4.21 -23.59
CA HIS A 93 12.25 3.09 -24.14
C HIS A 93 11.86 2.05 -23.07
N ASP A 94 12.70 1.80 -22.06
CA ASP A 94 12.36 0.88 -20.94
C ASP A 94 11.15 1.40 -20.14
N PHE A 95 11.10 2.72 -19.94
CA PHE A 95 9.99 3.33 -19.27
C PHE A 95 8.71 3.24 -20.11
N VAL A 96 8.79 3.53 -21.41
CA VAL A 96 7.67 3.42 -22.29
C VAL A 96 7.16 1.98 -22.26
N PHE A 97 8.10 1.05 -22.44
CA PHE A 97 7.77 -0.37 -22.41
C PHE A 97 7.03 -0.75 -21.12
N ALA A 98 7.62 -0.40 -19.97
CA ALA A 98 7.05 -0.82 -18.70
C ALA A 98 5.66 -0.22 -18.46
N TRP A 99 5.53 1.10 -18.68
CA TRP A 99 4.27 1.76 -18.41
C TRP A 99 3.17 1.24 -19.34
N ARG A 100 3.48 0.94 -20.60
CA ARG A 100 2.52 0.30 -21.53
C ARG A 100 2.10 -1.08 -20.98
N ARG A 101 3.06 -1.83 -20.46
CA ARG A 101 2.77 -3.17 -19.96
C ARG A 101 1.84 -3.08 -18.74
N LEU A 102 2.02 -2.04 -17.90
CA LEU A 102 1.19 -1.87 -16.72
C LEU A 102 -0.28 -1.75 -17.12
N VAL A 103 -0.59 -0.98 -18.17
CA VAL A 103 -2.02 -0.73 -18.51
C VAL A 103 -2.56 -1.79 -19.49
N ASP A 104 -1.69 -2.55 -20.11
CA ASP A 104 -2.10 -3.58 -21.04
C ASP A 104 -3.01 -4.55 -20.28
N PRO A 105 -4.30 -4.70 -20.69
CA PRO A 105 -5.18 -5.66 -20.03
C PRO A 105 -4.58 -7.08 -19.95
N ALA A 106 -3.78 -7.46 -20.94
CA ALA A 106 -3.17 -8.80 -21.00
C ALA A 106 -2.20 -9.04 -19.83
N THR A 107 -1.72 -7.96 -19.17
CA THR A 107 -0.80 -8.07 -18.03
C THR A 107 -1.60 -8.40 -16.77
N ALA A 108 -2.90 -8.06 -16.76
CA ALA A 108 -3.82 -8.26 -15.61
C ALA A 108 -3.21 -7.65 -14.35
N ALA A 109 -2.65 -6.44 -14.51
CA ALA A 109 -1.92 -5.84 -13.40
C ALA A 109 -2.89 -5.32 -12.35
N PRO A 110 -2.71 -5.67 -11.06
CA PRO A 110 -3.53 -5.11 -9.99
C PRO A 110 -3.51 -3.58 -9.92
N TYR A 111 -2.38 -3.00 -10.34
CA TYR A 111 -2.24 -1.57 -10.31
C TYR A 111 -2.41 -0.96 -11.71
N ALA A 112 -3.13 -1.68 -12.60
CA ALA A 112 -3.39 -1.17 -13.97
C ALA A 112 -3.88 0.28 -13.92
N SER A 113 -4.69 0.63 -12.91
CA SER A 113 -5.38 1.94 -12.84
C SER A 113 -4.44 3.06 -12.45
N TYR A 114 -3.24 2.75 -11.97
CA TYR A 114 -2.36 3.79 -11.43
C TYR A 114 -2.06 4.91 -12.46
N LEU A 115 -1.87 4.55 -13.72
CA LEU A 115 -1.61 5.54 -14.78
C LEU A 115 -2.85 6.34 -15.15
N SER A 116 -4.04 5.79 -14.84
CA SER A 116 -5.27 6.58 -14.93
C SER A 116 -5.32 7.62 -13.80
N TYR A 117 -4.81 7.25 -12.62
CA TYR A 117 -4.72 8.19 -11.48
C TYR A 117 -3.83 9.37 -11.85
N LEU A 118 -2.74 9.06 -12.58
CA LEU A 118 -1.81 10.08 -13.09
C LEU A 118 -2.39 10.81 -14.31
N GLN A 119 -3.58 10.41 -14.77
CA GLN A 119 -4.33 11.10 -15.81
C GLN A 119 -3.56 11.07 -17.13
N VAL A 120 -2.77 10.01 -17.36
CA VAL A 120 -2.01 9.93 -18.57
C VAL A 120 -2.98 9.77 -19.73
N GLU A 121 -2.73 10.46 -20.86
CA GLU A 121 -3.62 10.41 -22.00
C GLU A 121 -3.81 8.95 -22.43
N ASN A 122 -5.09 8.53 -22.59
CA ASN A 122 -5.48 7.21 -23.08
C ASN A 122 -5.28 6.06 -22.08
N ALA A 123 -4.78 6.32 -20.87
CA ALA A 123 -4.52 5.20 -19.92
C ALA A 123 -5.82 4.45 -19.62
N GLN A 124 -6.86 5.21 -19.29
CA GLN A 124 -8.19 4.57 -19.00
C GLN A 124 -8.75 3.80 -20.21
N ASP A 125 -8.61 4.35 -21.44
CA ASP A 125 -9.10 3.66 -22.62
C ASP A 125 -8.31 2.37 -22.84
N ILE A 126 -7.04 2.37 -22.48
CA ILE A 126 -6.24 1.15 -22.71
C ILE A 126 -6.66 0.08 -21.70
N ILE A 127 -6.88 0.52 -20.47
CA ILE A 127 -7.31 -0.36 -19.35
C ILE A 127 -8.67 -0.95 -19.74
N ASP A 128 -9.48 -0.18 -20.47
CA ASP A 128 -10.86 -0.59 -20.86
C ASP A 128 -10.87 -1.35 -22.18
N GLY A 129 -9.70 -1.56 -22.80
CA GLY A 129 -9.53 -2.25 -24.05
C GLY A 129 -9.96 -1.49 -25.30
N LYS A 130 -10.29 -0.19 -25.16
CA LYS A 130 -10.76 0.67 -26.26
C LYS A 130 -9.60 1.13 -27.16
N LYS A 131 -8.39 1.24 -26.59
CA LYS A 131 -7.19 1.58 -27.36
C LYS A 131 -6.07 0.59 -27.05
N LYS A 132 -5.12 0.50 -27.98
CA LYS A 132 -3.94 -0.39 -27.85
C LYS A 132 -2.95 0.25 -26.88
N PRO A 133 -2.16 -0.56 -26.15
CA PRO A 133 -1.16 -0.02 -25.21
C PRO A 133 -0.25 1.04 -25.85
N ALA A 134 0.12 0.85 -27.14
CA ALA A 134 1.05 1.77 -27.81
C ALA A 134 0.46 3.19 -27.91
N GLU A 135 -0.81 3.36 -27.61
CA GLU A 135 -1.50 4.64 -27.71
C GLU A 135 -1.38 5.46 -26.43
N LEU A 136 -0.74 4.89 -25.39
CA LEU A 136 -0.53 5.58 -24.16
C LEU A 136 0.28 6.87 -24.39
N GLY A 137 -0.12 7.93 -23.69
CA GLY A 137 0.48 9.24 -23.85
C GLY A 137 1.80 9.43 -23.12
N VAL A 138 2.72 8.49 -23.30
CA VAL A 138 4.12 8.67 -22.88
C VAL A 138 5.02 8.33 -24.06
N GLU A 139 6.20 8.97 -24.13
CA GLU A 139 7.05 8.82 -25.27
C GLU A 139 8.52 8.98 -24.89
N ALA A 140 9.37 8.29 -25.65
CA ALA A 140 10.81 8.57 -25.71
C ALA A 140 11.05 9.61 -26.79
N LYS A 141 11.11 10.88 -26.41
CA LYS A 141 11.38 11.93 -27.37
C LYS A 141 12.76 11.70 -27.97
N ASP A 142 13.68 11.15 -27.16
CA ASP A 142 14.91 10.49 -27.62
C ASP A 142 15.28 9.42 -26.60
N ASP A 143 16.44 8.79 -26.74
CA ASP A 143 16.79 7.64 -25.91
C ASP A 143 16.84 8.00 -24.42
N TYR A 144 17.03 9.28 -24.07
CA TYR A 144 17.24 9.65 -22.67
C TYR A 144 16.29 10.77 -22.27
N THR A 145 15.18 10.92 -23.00
CA THR A 145 14.14 11.95 -22.68
C THR A 145 12.75 11.28 -22.73
N PHE A 146 12.17 11.09 -21.55
CA PHE A 146 10.88 10.43 -21.34
C PHE A 146 9.85 11.51 -21.02
N VAL A 147 8.78 11.57 -21.81
CA VAL A 147 7.79 12.64 -21.66
C VAL A 147 6.43 12.00 -21.35
N VAL A 148 5.73 12.59 -20.38
CA VAL A 148 4.45 12.11 -19.90
C VAL A 148 3.43 13.22 -20.18
N HIS A 149 2.37 12.85 -20.88
CA HIS A 149 1.31 13.76 -21.27
C HIS A 149 0.03 13.44 -20.50
N ALA A 150 -0.42 14.37 -19.65
CA ALA A 150 -1.61 14.17 -18.82
C ALA A 150 -2.79 14.99 -19.38
N THR A 151 -4.01 14.47 -19.20
CA THR A 151 -5.20 15.10 -19.77
C THR A 151 -5.74 16.16 -18.82
N ASN A 152 -5.39 16.05 -17.53
CA ASN A 152 -5.77 17.00 -16.55
C ASN A 152 -4.53 17.40 -15.78
N PRO A 153 -4.53 18.58 -15.13
CA PRO A 153 -3.43 18.98 -14.26
C PRO A 153 -3.16 17.94 -13.16
N VAL A 154 -1.87 17.60 -12.99
CA VAL A 154 -1.43 16.64 -11.97
C VAL A 154 -0.20 17.22 -11.30
N PRO A 155 -0.39 18.28 -10.47
CA PRO A 155 0.72 18.93 -9.82
C PRO A 155 1.56 18.01 -8.91
N TYR A 156 0.99 16.90 -8.44
CA TYR A 156 1.67 15.90 -7.60
C TYR A 156 2.32 14.78 -8.44
N ALA A 157 2.43 14.97 -9.74
CA ALA A 157 2.92 13.93 -10.68
C ALA A 157 4.25 13.33 -10.20
N VAL A 158 5.19 14.19 -9.78
CA VAL A 158 6.54 13.66 -9.48
C VAL A 158 6.44 12.63 -8.35
N SER A 159 5.69 12.94 -7.30
CA SER A 159 5.54 11.99 -6.20
C SER A 159 4.86 10.70 -6.67
N LEU A 160 3.93 10.77 -7.63
CA LEU A 160 3.30 9.53 -8.10
C LEU A 160 4.34 8.63 -8.74
N THR A 161 5.37 9.20 -9.40
CA THR A 161 6.33 8.40 -10.15
C THR A 161 7.20 7.51 -9.24
N THR A 162 7.19 7.72 -7.91
CA THR A 162 7.97 6.92 -6.99
C THR A 162 7.35 5.54 -6.68
N HIS A 163 6.15 5.23 -7.19
CA HIS A 163 5.43 4.02 -6.82
C HIS A 163 6.04 2.80 -7.53
N GLN A 164 5.93 1.63 -6.90
CA GLN A 164 6.47 0.37 -7.42
C GLN A 164 5.89 0.05 -8.81
N SER A 165 4.63 0.39 -9.10
CA SER A 165 4.00 0.04 -10.38
C SER A 165 4.64 0.81 -11.54
N LEU A 166 5.28 1.94 -11.27
CA LEU A 166 5.95 2.76 -12.31
C LEU A 166 7.46 2.55 -12.37
N LEU A 167 7.96 1.48 -11.76
CA LEU A 167 9.34 1.10 -11.93
C LEU A 167 9.56 0.65 -13.38
N PRO A 168 10.76 0.88 -13.97
CA PRO A 168 11.00 0.48 -15.35
C PRO A 168 11.29 -1.03 -15.32
N LEU A 169 11.20 -1.65 -16.49
CA LEU A 169 11.62 -3.06 -16.67
C LEU A 169 12.62 -3.10 -17.80
N PRO A 170 13.53 -4.09 -17.81
CA PRO A 170 14.47 -4.25 -18.90
C PRO A 170 13.78 -4.85 -20.15
N GLN A 171 13.33 -3.97 -21.04
CA GLN A 171 12.56 -4.36 -22.20
C GLN A 171 13.22 -5.54 -22.95
N LYS A 172 14.51 -5.46 -23.24
CA LYS A 172 15.16 -6.46 -24.07
C LYS A 172 15.14 -7.83 -23.36
N VAL A 173 15.29 -7.83 -22.04
CA VAL A 173 15.23 -9.06 -21.24
C VAL A 173 13.80 -9.59 -21.21
N VAL A 174 12.83 -8.73 -20.87
CA VAL A 174 11.44 -9.13 -20.69
C VAL A 174 10.82 -9.59 -22.01
N GLU A 175 11.25 -9.00 -23.12
CA GLU A 175 10.70 -9.35 -24.42
C GLU A 175 11.24 -10.71 -24.83
N LYS A 176 12.50 -10.97 -24.49
CA LYS A 176 13.15 -12.21 -24.83
C LYS A 176 12.61 -13.35 -23.96
N LEU A 177 12.35 -13.12 -22.66
CA LEU A 177 12.10 -14.21 -21.70
C LEU A 177 10.64 -14.28 -21.22
N GLY A 178 9.80 -13.31 -21.58
CA GLY A 178 8.43 -13.20 -21.04
C GLY A 178 8.40 -13.06 -19.52
N ASP A 179 7.39 -13.66 -18.90
CA ASP A 179 7.14 -13.54 -17.45
C ASP A 179 8.25 -14.25 -16.66
N ALA A 180 8.99 -15.18 -17.30
CA ALA A 180 10.14 -15.91 -16.74
C ALA A 180 11.37 -15.02 -16.46
N TRP A 181 11.31 -13.74 -16.87
CA TRP A 181 12.38 -12.77 -16.62
C TRP A 181 12.61 -12.63 -15.12
N VAL A 182 11.55 -12.89 -14.34
CA VAL A 182 11.49 -12.59 -12.89
C VAL A 182 12.24 -13.63 -12.07
N LYS A 183 12.54 -14.80 -12.66
CA LYS A 183 13.33 -15.79 -11.97
C LYS A 183 14.67 -15.19 -11.54
N LYS A 184 15.17 -15.63 -10.38
CA LYS A 184 16.39 -15.05 -9.78
C LYS A 184 17.56 -15.19 -10.75
N GLU A 185 17.62 -16.28 -11.53
CA GLU A 185 18.67 -16.52 -12.52
C GLU A 185 18.66 -15.45 -13.62
N ASN A 186 17.49 -14.88 -13.92
CA ASN A 186 17.30 -14.04 -15.06
C ASN A 186 17.05 -12.56 -14.67
N TYR A 187 16.69 -12.29 -13.41
CA TYR A 187 16.24 -10.93 -12.99
C TYR A 187 17.33 -9.93 -13.35
N VAL A 188 16.93 -8.83 -13.99
CA VAL A 188 17.80 -7.78 -14.31
C VAL A 188 17.09 -6.48 -13.85
N GLY A 189 17.82 -5.62 -13.15
CA GLY A 189 17.22 -4.37 -12.60
C GLY A 189 18.22 -3.25 -12.51
N ASN A 190 17.74 -2.06 -12.08
CA ASN A 190 18.53 -0.88 -12.11
C ASN A 190 18.55 -0.18 -10.74
N GLY A 191 18.20 -0.93 -9.69
CA GLY A 191 18.23 -0.49 -8.30
C GLY A 191 19.60 -0.72 -7.68
N ALA A 192 19.71 -0.50 -6.37
CA ALA A 192 20.98 -0.53 -5.70
C ALA A 192 21.43 -1.99 -5.44
N TYR A 193 20.52 -2.97 -5.53
CA TYR A 193 20.79 -4.33 -5.15
C TYR A 193 20.38 -5.30 -6.24
N LYS A 194 20.86 -6.54 -6.08
CA LYS A 194 20.38 -7.63 -6.92
C LYS A 194 20.16 -8.88 -6.06
N LEU A 195 19.38 -9.83 -6.60
CA LEU A 195 19.01 -11.03 -5.88
C LEU A 195 20.23 -11.94 -5.81
N ALA A 196 20.64 -12.31 -4.60
CA ALA A 196 21.68 -13.32 -4.41
C ALA A 196 21.04 -14.68 -4.20
N ASN A 197 19.90 -14.71 -3.51
CA ASN A 197 19.21 -16.00 -3.20
C ASN A 197 17.76 -15.69 -2.82
N HIS A 198 16.92 -16.69 -3.05
CA HIS A 198 15.53 -16.67 -2.65
C HIS A 198 15.15 -18.09 -2.27
N ILE A 199 14.82 -18.31 -1.00
CA ILE A 199 14.19 -19.54 -0.53
C ILE A 199 12.78 -19.20 -0.06
N ILE A 200 11.79 -19.83 -0.72
CA ILE A 200 10.39 -19.56 -0.49
C ILE A 200 10.05 -19.83 0.99
N ASN A 201 9.41 -18.84 1.62
CA ASN A 201 8.95 -18.88 3.02
C ASN A 201 10.11 -18.80 4.02
N GLU A 202 11.32 -18.50 3.58
CA GLU A 202 12.48 -18.43 4.50
C GLU A 202 13.22 -17.09 4.36
N LYS A 203 13.84 -16.83 3.21
CA LYS A 203 14.66 -15.66 3.09
C LYS A 203 14.82 -15.26 1.63
N ILE A 204 14.93 -13.95 1.45
CA ILE A 204 15.53 -13.32 0.26
C ILE A 204 16.87 -12.65 0.66
N GLU A 205 17.90 -12.91 -0.14
CA GLU A 205 19.23 -12.32 0.04
C GLU A 205 19.54 -11.35 -1.11
N PHE A 206 19.99 -10.15 -0.73
CA PHE A 206 20.37 -9.09 -1.62
C PHE A 206 21.88 -8.90 -1.56
N GLU A 207 22.45 -8.58 -2.72
CA GLU A 207 23.82 -8.14 -2.81
C GLU A 207 23.85 -6.88 -3.63
N ARG A 208 24.91 -6.11 -3.46
CA ARG A 208 25.13 -4.88 -4.18
C ARG A 208 24.96 -5.06 -5.68
N ASN A 209 24.30 -4.09 -6.34
CA ASN A 209 24.33 -3.98 -7.78
C ASN A 209 25.42 -2.98 -8.13
N PRO A 210 26.62 -3.45 -8.55
CA PRO A 210 27.74 -2.55 -8.78
C PRO A 210 27.54 -1.66 -10.00
N LEU A 211 26.54 -1.94 -10.85
CA LEU A 211 26.25 -1.10 -12.02
C LEU A 211 25.19 -0.04 -11.68
N TYR A 212 24.67 -0.04 -10.45
CA TYR A 212 23.75 1.01 -10.02
C TYR A 212 24.47 2.37 -10.17
N TRP A 213 23.83 3.33 -10.84
CA TRP A 213 24.43 4.68 -11.07
C TRP A 213 24.97 5.29 -9.77
N ASN A 214 24.38 4.96 -8.62
CA ASN A 214 24.78 5.61 -7.32
C ASN A 214 25.39 4.58 -6.38
N ASP A 215 26.00 3.51 -6.93
CA ASP A 215 26.61 2.51 -6.09
C ASP A 215 27.66 3.13 -5.16
N LYS A 216 28.31 4.21 -5.62
CA LYS A 216 29.32 4.94 -4.83
C LYS A 216 28.78 5.39 -3.46
N GLU A 217 27.47 5.63 -3.35
CA GLU A 217 26.86 6.13 -2.10
C GLU A 217 26.18 5.01 -1.31
N THR A 218 26.11 3.79 -1.86
CA THR A 218 25.47 2.71 -1.19
C THR A 218 26.45 2.18 -0.13
N VAL A 219 25.98 1.94 1.09
CA VAL A 219 26.84 1.50 2.19
C VAL A 219 26.59 0.01 2.52
N ILE A 220 25.34 -0.41 2.66
CA ILE A 220 25.00 -1.82 2.97
C ILE A 220 25.47 -2.67 1.78
N ASN A 221 26.26 -3.70 2.09
CA ASN A 221 26.80 -4.62 1.11
C ASN A 221 25.83 -5.77 0.84
N SER A 222 25.17 -6.25 1.89
CA SER A 222 24.33 -7.39 1.76
C SER A 222 23.20 -7.31 2.78
N ALA A 223 22.08 -7.96 2.46
CA ALA A 223 20.97 -7.95 3.35
C ALA A 223 20.15 -9.20 3.14
N THR A 224 19.43 -9.57 4.20
CA THR A 224 18.46 -10.59 4.20
C THR A 224 17.09 -10.00 4.62
N PHE A 225 16.06 -10.36 3.84
CA PHE A 225 14.68 -10.18 4.19
C PHE A 225 14.13 -11.53 4.68
N LEU A 226 13.63 -11.56 5.92
CA LEU A 226 12.90 -12.69 6.45
C LEU A 226 11.40 -12.54 6.15
N ALA A 227 10.66 -13.63 6.37
CA ALA A 227 9.21 -13.75 6.09
C ALA A 227 8.48 -14.25 7.34
N ILE A 228 8.64 -13.51 8.43
CA ILE A 228 8.04 -13.86 9.73
C ILE A 228 6.70 -13.14 9.86
N GLU A 229 5.61 -13.92 9.87
CA GLU A 229 4.20 -13.45 9.84
C GLU A 229 3.77 -12.89 11.21
N ASN A 230 4.26 -13.50 12.29
CA ASN A 230 3.76 -13.21 13.64
C ASN A 230 4.68 -12.22 14.35
N PRO A 231 4.18 -11.06 14.80
CA PRO A 231 5.00 -10.07 15.50
C PRO A 231 5.76 -10.55 16.74
N SER A 232 5.17 -11.45 17.53
CA SER A 232 5.88 -11.99 18.70
C SER A 232 7.08 -12.85 18.27
N THR A 233 6.98 -13.55 17.12
CA THR A 233 8.15 -14.28 16.55
C THR A 233 9.20 -13.28 16.07
N ASP A 234 8.74 -12.21 15.44
CA ASP A 234 9.59 -11.11 14.98
C ASP A 234 10.39 -10.58 16.17
N VAL A 235 9.68 -10.23 17.25
CA VAL A 235 10.30 -9.62 18.43
C VAL A 235 11.30 -10.60 19.07
N ALA A 236 10.92 -11.87 19.20
CA ALA A 236 11.82 -12.85 19.82
C ALA A 236 13.14 -12.95 19.03
N ARG A 237 13.05 -13.01 17.70
CA ARG A 237 14.25 -13.11 16.86
C ARG A 237 15.12 -11.85 17.03
N TYR A 238 14.48 -10.68 17.08
CA TYR A 238 15.17 -9.44 17.31
C TYR A 238 15.92 -9.49 18.64
N ARG A 239 15.23 -9.91 19.70
CA ARG A 239 15.84 -9.97 21.04
C ARG A 239 17.02 -10.94 21.04
N ALA A 240 16.93 -12.05 20.28
CA ALA A 240 18.02 -13.03 20.18
C ALA A 240 19.19 -12.50 19.35
N GLY A 241 19.03 -11.32 18.72
CA GLY A 241 20.06 -10.72 17.89
C GLY A 241 20.14 -11.32 16.51
N ASP A 242 19.07 -11.99 16.06
CA ASP A 242 19.12 -12.70 14.78
C ASP A 242 18.43 -11.88 13.68
N LEU A 243 17.90 -10.70 14.01
CA LEU A 243 17.51 -9.74 12.97
C LEU A 243 17.63 -8.34 13.58
N ASP A 244 17.72 -7.34 12.70
CA ASP A 244 18.12 -6.00 13.06
C ASP A 244 16.95 -5.01 13.02
N MET A 245 15.91 -5.33 12.24
CA MET A 245 14.73 -4.47 12.15
C MET A 245 13.51 -5.37 11.99
N THR A 246 12.50 -5.13 12.81
CA THR A 246 11.22 -5.83 12.73
C THR A 246 10.43 -5.27 11.55
N SER A 247 9.37 -5.99 11.21
CA SER A 247 8.32 -5.49 10.38
C SER A 247 7.53 -4.48 11.21
N TYR A 248 6.49 -3.90 10.62
CA TYR A 248 5.84 -2.74 11.29
C TYR A 248 4.63 -3.18 12.11
N GLY A 249 4.74 -4.34 12.77
CA GLY A 249 3.78 -4.78 13.80
C GLY A 249 4.52 -5.29 15.02
N LEU A 250 4.05 -4.87 16.21
CA LEU A 250 4.58 -5.37 17.49
C LEU A 250 3.44 -5.92 18.35
N PRO A 251 3.70 -6.93 19.22
CA PRO A 251 2.68 -7.49 20.10
C PRO A 251 2.15 -6.41 21.03
N PRO A 252 0.82 -6.20 21.11
CA PRO A 252 0.27 -5.16 21.98
C PRO A 252 0.57 -5.41 23.46
N GLU A 253 0.68 -6.69 23.85
CA GLU A 253 0.90 -7.14 25.26
C GLU A 253 2.34 -6.86 25.73
N GLN A 254 3.30 -6.75 24.80
CA GLN A 254 4.71 -6.54 25.11
C GLN A 254 5.10 -5.07 24.98
N PHE A 255 4.21 -4.26 24.39
CA PHE A 255 4.61 -3.00 23.78
C PHE A 255 5.13 -2.02 24.83
N ALA A 256 4.36 -1.81 25.92
CA ALA A 256 4.77 -0.91 27.02
C ALA A 256 6.12 -1.35 27.60
N LYS A 257 6.33 -2.67 27.69
CA LYS A 257 7.58 -3.21 28.23
C LYS A 257 8.75 -2.94 27.28
N LEU A 258 8.52 -3.17 25.99
CA LEU A 258 9.57 -3.02 25.01
C LEU A 258 10.02 -1.55 25.00
N LYS A 259 9.05 -0.64 25.05
CA LYS A 259 9.35 0.81 25.01
C LYS A 259 10.35 1.18 26.11
N LYS A 260 10.15 0.64 27.31
CA LYS A 260 10.93 1.03 28.49
C LYS A 260 12.25 0.25 28.53
N GLU A 261 12.21 -1.04 28.19
CA GLU A 261 13.38 -1.92 28.26
C GLU A 261 14.35 -1.64 27.10
N LEU A 262 13.80 -1.39 25.91
CA LEU A 262 14.62 -1.21 24.70
C LEU A 262 14.54 0.25 24.25
N LEU A 263 14.56 1.18 25.22
CA LEU A 263 14.43 2.61 24.96
C LEU A 263 15.47 3.01 23.89
N GLY A 264 15.03 3.72 22.85
CA GLY A 264 15.92 4.10 21.75
C GLY A 264 15.86 3.13 20.56
N GLU A 265 15.19 1.98 20.74
CA GLU A 265 15.03 0.98 19.68
C GLU A 265 13.59 0.92 19.16
N VAL A 266 12.62 1.43 19.94
CA VAL A 266 11.24 1.33 19.49
C VAL A 266 10.94 2.59 18.68
N TYR A 267 10.75 2.41 17.37
CA TYR A 267 10.26 3.50 16.54
C TYR A 267 8.76 3.36 16.33
N VAL A 268 8.07 4.51 16.23
CA VAL A 268 6.68 4.49 15.90
C VAL A 268 6.48 5.61 14.86
N THR A 269 6.36 5.23 13.59
CA THR A 269 6.07 6.20 12.52
C THR A 269 4.56 6.39 12.34
N ARG A 270 4.10 7.64 12.41
CA ARG A 270 2.76 8.04 12.06
C ARG A 270 2.63 7.97 10.55
N THR A 271 1.82 7.05 10.01
CA THR A 271 1.82 6.83 8.58
C THR A 271 0.43 7.11 7.99
N LEU A 272 0.46 7.37 6.69
CA LEU A 272 -0.71 7.63 5.89
C LEU A 272 -1.33 6.29 5.49
N GLY A 273 -2.04 5.68 6.45
CA GLY A 273 -2.60 4.38 6.26
C GLY A 273 -3.92 4.24 6.99
N THR A 274 -4.84 3.46 6.40
CA THR A 274 -6.11 3.11 7.04
C THR A 274 -6.28 1.59 7.06
N TYR A 275 -6.59 1.07 8.25
CA TYR A 275 -6.99 -0.29 8.52
C TYR A 275 -8.51 -0.36 8.52
N SER A 276 -9.08 -1.26 7.71
CA SER A 276 -10.54 -1.42 7.55
C SER A 276 -10.92 -2.91 7.52
N TYR A 277 -12.22 -3.19 7.70
CA TYR A 277 -12.82 -4.39 7.13
C TYR A 277 -13.56 -4.01 5.86
N GLU A 278 -13.10 -4.61 4.76
CA GLU A 278 -13.72 -4.43 3.47
C GLU A 278 -14.92 -5.38 3.37
N LEU A 279 -16.07 -4.86 2.96
CA LEU A 279 -17.28 -5.64 2.72
C LEU A 279 -17.37 -5.95 1.22
N ASN A 280 -17.64 -7.22 0.88
CA ASN A 280 -17.82 -7.61 -0.52
C ASN A 280 -19.17 -7.06 -1.03
N ASN A 281 -19.13 -5.89 -1.69
CA ASN A 281 -20.40 -5.17 -2.00
C ASN A 281 -21.29 -5.92 -3.01
N LYS A 282 -20.78 -6.96 -3.67
CA LYS A 282 -21.55 -7.64 -4.69
C LYS A 282 -22.01 -9.03 -4.22
N LYS A 283 -21.65 -9.43 -3.01
CA LYS A 283 -21.95 -10.77 -2.49
C LYS A 283 -23.03 -10.62 -1.41
N ALA A 284 -24.16 -11.34 -1.57
CA ALA A 284 -25.18 -11.35 -0.54
C ALA A 284 -24.58 -11.81 0.79
N PRO A 285 -24.89 -11.11 1.87
CA PRO A 285 -25.88 -10.05 1.91
C PRO A 285 -25.31 -8.64 2.07
N PHE A 286 -24.00 -8.46 1.79
CA PHE A 286 -23.30 -7.17 1.92
C PHE A 286 -23.62 -6.21 0.76
N ASP A 287 -24.40 -6.67 -0.22
CA ASP A 287 -24.99 -5.84 -1.23
C ASP A 287 -26.15 -5.05 -0.62
N ASN A 288 -26.59 -5.39 0.59
CA ASN A 288 -27.63 -4.66 1.31
C ASN A 288 -27.00 -3.54 2.13
N VAL A 289 -27.28 -2.28 1.76
CA VAL A 289 -26.69 -1.13 2.47
C VAL A 289 -27.11 -1.17 3.95
N ASN A 290 -28.32 -1.68 4.25
CA ASN A 290 -28.82 -1.70 5.62
C ASN A 290 -27.91 -2.56 6.50
N ILE A 291 -27.42 -3.66 5.94
CA ILE A 291 -26.56 -4.56 6.67
C ILE A 291 -25.15 -3.95 6.85
N ARG A 292 -24.65 -3.26 5.83
CA ARG A 292 -23.34 -2.64 5.88
C ARG A 292 -23.37 -1.55 6.94
N LYS A 293 -24.51 -0.83 7.00
CA LYS A 293 -24.72 0.23 8.04
C LYS A 293 -24.70 -0.38 9.44
N ALA A 294 -25.45 -1.47 9.66
CA ALA A 294 -25.51 -2.14 10.95
C ALA A 294 -24.10 -2.50 11.42
N LEU A 295 -23.29 -3.08 10.50
CA LEU A 295 -21.92 -3.50 10.86
C LEU A 295 -21.11 -2.30 11.34
N ASN A 296 -21.24 -1.18 10.64
CA ASN A 296 -20.51 0.03 10.98
C ASN A 296 -20.97 0.55 12.34
N LEU A 297 -22.29 0.59 12.57
CA LEU A 297 -22.81 1.18 13.80
C LEU A 297 -22.31 0.42 15.03
N SER A 298 -22.23 -0.91 14.92
CA SER A 298 -22.13 -1.76 16.07
C SER A 298 -20.66 -2.10 16.39
N LEU A 299 -19.70 -1.66 15.56
CA LEU A 299 -18.27 -1.85 15.83
C LEU A 299 -17.72 -0.61 16.55
N ASP A 300 -17.22 -0.82 17.77
CA ASP A 300 -16.59 0.24 18.57
C ASP A 300 -15.10 0.26 18.25
N ARG A 301 -14.68 1.29 17.50
CA ARG A 301 -13.30 1.47 17.06
C ARG A 301 -12.35 1.67 18.26
N ASN A 302 -12.83 2.35 19.31
CA ASN A 302 -12.03 2.69 20.49
C ASN A 302 -11.62 1.39 21.22
N VAL A 303 -12.48 0.38 21.19
CA VAL A 303 -12.12 -0.90 21.77
C VAL A 303 -10.83 -1.40 21.10
N ILE A 304 -10.79 -1.34 19.77
CA ILE A 304 -9.65 -1.87 18.97
C ILE A 304 -8.42 -0.99 19.18
N THR A 305 -8.55 0.34 19.11
CA THR A 305 -7.38 1.19 19.17
C THR A 305 -6.83 1.30 20.60
N ASP A 306 -7.72 1.29 21.60
CA ASP A 306 -7.30 1.57 22.98
C ASP A 306 -7.04 0.28 23.76
N LYS A 307 -7.82 -0.78 23.53
CA LYS A 307 -7.72 -1.96 24.39
C LYS A 307 -7.03 -3.13 23.67
N VAL A 308 -7.26 -3.34 22.37
CA VAL A 308 -6.64 -4.46 21.65
C VAL A 308 -5.21 -4.07 21.25
N LEU A 309 -5.01 -2.87 20.70
CA LEU A 309 -3.70 -2.50 20.13
C LEU A 309 -2.95 -1.55 21.09
N GLY A 310 -3.46 -0.34 21.24
CA GLY A 310 -2.96 0.63 22.22
C GLY A 310 -1.57 1.16 21.91
N GLN A 311 -1.16 1.26 20.64
CA GLN A 311 0.20 1.61 20.27
C GLN A 311 0.25 3.02 19.64
N GLY A 312 -0.88 3.74 19.60
CA GLY A 312 -0.97 5.04 18.93
C GLY A 312 -1.91 5.05 17.74
N GLN A 313 -2.38 3.89 17.30
CA GLN A 313 -3.41 3.82 16.27
C GLN A 313 -4.59 4.69 16.72
N THR A 314 -5.15 5.47 15.79
CA THR A 314 -6.27 6.39 16.08
C THR A 314 -7.55 5.94 15.38
N PRO A 315 -8.70 5.97 16.08
CA PRO A 315 -9.98 5.55 15.49
C PRO A 315 -10.38 6.43 14.29
N THR A 316 -10.99 5.80 13.28
CA THR A 316 -11.47 6.54 12.13
C THR A 316 -12.72 5.86 11.54
N TYR A 317 -13.55 6.66 10.86
CA TYR A 317 -14.83 6.18 10.31
C TYR A 317 -14.90 6.49 8.81
N VAL A 318 -13.79 6.95 8.23
CA VAL A 318 -13.68 7.29 6.83
C VAL A 318 -12.41 6.62 6.29
N PHE A 319 -12.30 6.49 4.97
CA PHE A 319 -11.20 5.76 4.37
C PHE A 319 -9.92 6.62 4.33
N THR A 320 -10.03 7.81 3.74
CA THR A 320 -8.89 8.76 3.63
C THR A 320 -8.43 9.19 5.02
N PRO A 321 -7.11 9.16 5.36
CA PRO A 321 -6.63 9.75 6.60
C PRO A 321 -6.81 11.27 6.44
N THR A 322 -7.50 11.92 7.37
CA THR A 322 -7.85 13.35 7.20
C THR A 322 -6.62 14.25 7.30
N TYR A 323 -5.49 13.72 7.75
CA TYR A 323 -4.24 14.46 7.91
C TYR A 323 -3.40 14.35 6.63
N ILE A 324 -3.88 13.63 5.60
CA ILE A 324 -3.18 13.63 4.31
C ILE A 324 -3.32 15.00 3.66
N GLU A 325 -2.36 15.32 2.79
CA GLU A 325 -2.40 16.54 1.99
C GLU A 325 -3.74 16.61 1.24
N GLU A 326 -4.49 17.69 1.52
CA GLU A 326 -5.74 18.08 0.91
C GLU A 326 -6.89 17.23 1.44
N GLY A 327 -6.70 16.55 2.59
CA GLY A 327 -7.75 15.77 3.19
C GLY A 327 -8.50 16.50 4.30
N HIS A 328 -8.12 17.75 4.58
CA HIS A 328 -8.55 18.43 5.80
C HIS A 328 -10.06 18.73 5.83
N LEU A 329 -10.74 18.74 4.68
CA LEU A 329 -12.20 19.06 4.69
C LEU A 329 -13.04 17.81 4.92
N ILE A 330 -12.43 16.63 4.90
CA ILE A 330 -13.19 15.42 5.07
C ILE A 330 -13.73 15.36 6.52
N GLN A 331 -15.01 15.03 6.65
CA GLN A 331 -15.69 14.97 7.95
C GLN A 331 -15.87 13.51 8.37
N GLN A 332 -15.63 13.22 9.66
CA GLN A 332 -16.06 11.97 10.26
C GLN A 332 -17.59 11.97 10.29
N PRO A 333 -18.27 10.85 10.00
CA PRO A 333 -19.72 10.82 9.89
C PRO A 333 -20.41 10.99 11.26
N ALA A 334 -21.67 11.46 11.26
CA ALA A 334 -22.42 11.86 12.50
C ALA A 334 -22.55 10.69 13.49
N TYR A 335 -22.79 9.46 12.99
CA TYR A 335 -23.08 8.34 13.88
C TYR A 335 -21.92 8.11 14.84
N SER A 336 -20.72 8.52 14.42
CA SER A 336 -19.51 8.28 15.22
C SER A 336 -19.51 9.13 16.50
N LYS A 337 -20.32 10.19 16.53
CA LYS A 337 -20.47 11.03 17.73
C LYS A 337 -21.64 10.56 18.62
N GLU A 338 -22.37 9.51 18.22
CA GLU A 338 -23.51 9.01 19.01
C GLU A 338 -23.00 8.06 20.08
N PRO A 339 -23.65 7.97 21.25
CA PRO A 339 -23.37 6.90 22.20
C PRO A 339 -23.46 5.51 21.53
N MET A 340 -22.64 4.57 21.99
CA MET A 340 -22.65 3.18 21.48
C MET A 340 -24.04 2.56 21.68
N ALA A 341 -24.72 2.96 22.76
CA ALA A 341 -26.02 2.33 23.08
C ALA A 341 -27.04 2.65 21.98
N GLN A 342 -27.03 3.91 21.52
CA GLN A 342 -27.89 4.41 20.46
C GLN A 342 -27.53 3.73 19.12
N ARG A 343 -26.23 3.67 18.84
CA ARG A 343 -25.70 3.00 17.65
C ARG A 343 -26.12 1.53 17.63
N ASN A 344 -26.01 0.86 18.78
CA ASN A 344 -26.25 -0.59 18.86
C ASN A 344 -27.75 -0.87 18.67
N GLU A 345 -28.60 0.03 19.18
CA GLU A 345 -30.04 -0.15 19.06
C GLU A 345 -30.42 0.00 17.57
N GLU A 346 -29.79 0.96 16.90
CA GLU A 346 -30.04 1.21 15.45
C GLU A 346 -29.58 -0.02 14.66
N ALA A 347 -28.43 -0.57 15.05
CA ALA A 347 -27.88 -1.71 14.36
C ALA A 347 -28.83 -2.91 14.49
N ILE A 348 -29.24 -3.22 15.73
CA ILE A 348 -30.15 -4.34 15.96
C ILE A 348 -31.43 -4.19 15.11
N LYS A 349 -32.03 -2.99 15.09
CA LYS A 349 -33.24 -2.75 14.31
C LYS A 349 -33.00 -3.04 12.82
N LEU A 350 -31.86 -2.57 12.29
CA LEU A 350 -31.53 -2.83 10.87
C LEU A 350 -31.42 -4.35 10.64
N LEU A 351 -30.79 -5.07 11.57
CA LEU A 351 -30.59 -6.54 11.37
C LEU A 351 -31.91 -7.31 11.47
N GLU A 352 -32.78 -6.88 12.40
CA GLU A 352 -34.10 -7.50 12.53
C GLU A 352 -34.95 -7.20 11.29
N GLU A 353 -34.84 -5.97 10.76
CA GLU A 353 -35.56 -5.60 9.55
C GLU A 353 -35.10 -6.46 8.36
N ALA A 354 -33.85 -6.90 8.40
CA ALA A 354 -33.23 -7.77 7.40
C ALA A 354 -33.43 -9.27 7.72
N GLY A 355 -34.16 -9.58 8.78
CA GLY A 355 -34.60 -10.96 9.01
C GLY A 355 -33.67 -11.78 9.88
N TYR A 356 -32.74 -11.13 10.60
CA TYR A 356 -31.83 -11.85 11.50
C TYR A 356 -32.44 -11.92 12.90
N SER A 357 -32.07 -12.98 13.63
CA SER A 357 -32.49 -13.22 15.03
C SER A 357 -31.36 -13.93 15.79
N LYS A 358 -31.52 -14.12 17.09
CA LYS A 358 -30.56 -14.94 17.87
C LYS A 358 -30.52 -16.37 17.33
N ALA A 359 -31.67 -16.88 16.86
CA ALA A 359 -31.80 -18.25 16.35
C ALA A 359 -31.25 -18.37 14.92
N ASN A 360 -31.39 -17.30 14.14
CA ASN A 360 -30.93 -17.25 12.74
C ASN A 360 -30.09 -15.99 12.62
N PRO A 361 -28.84 -16.00 13.16
CA PRO A 361 -27.99 -14.81 13.15
C PRO A 361 -27.39 -14.55 11.75
N LEU A 362 -26.92 -13.33 11.53
CA LEU A 362 -26.06 -13.03 10.37
C LEU A 362 -24.71 -13.73 10.56
N LYS A 363 -24.42 -14.70 9.68
CA LYS A 363 -23.21 -15.51 9.76
C LYS A 363 -22.24 -15.12 8.63
N PHE A 364 -20.99 -14.82 8.97
CA PHE A 364 -19.98 -14.61 7.96
C PHE A 364 -18.60 -14.85 8.55
N SER A 365 -17.61 -14.93 7.66
CA SER A 365 -16.20 -15.09 8.01
C SER A 365 -15.43 -13.79 7.77
N ILE A 366 -14.53 -13.45 8.71
CA ILE A 366 -13.50 -12.44 8.51
C ILE A 366 -12.28 -13.13 7.91
N LEU A 367 -11.96 -12.81 6.66
CA LEU A 367 -10.70 -13.22 6.05
C LEU A 367 -9.58 -12.25 6.44
N TYR A 368 -8.45 -12.80 6.90
CA TYR A 368 -7.26 -12.01 7.18
C TYR A 368 -6.02 -12.84 6.84
N ASN A 369 -4.91 -12.14 6.63
CA ASN A 369 -3.64 -12.79 6.38
C ASN A 369 -3.07 -13.22 7.73
N THR A 370 -2.62 -14.47 7.83
CA THR A 370 -1.97 -15.03 9.06
C THR A 370 -1.04 -14.01 9.72
N ASN A 371 -1.38 -13.65 10.96
CA ASN A 371 -0.74 -12.58 11.73
C ASN A 371 -1.50 -12.45 13.04
N GLU A 372 -0.80 -12.69 14.16
CA GLU A 372 -1.45 -12.80 15.45
C GLU A 372 -2.13 -11.49 15.79
N ASN A 373 -1.56 -10.34 15.35
CA ASN A 373 -2.20 -9.02 15.64
C ASN A 373 -3.54 -8.93 14.90
N HIS A 374 -3.60 -9.43 13.65
CA HIS A 374 -4.84 -9.38 12.86
C HIS A 374 -5.89 -10.31 13.48
N LYS A 375 -5.45 -11.48 13.94
CA LYS A 375 -6.32 -12.40 14.65
C LYS A 375 -6.89 -11.74 15.90
N LYS A 376 -6.05 -11.02 16.64
CA LYS A 376 -6.50 -10.39 17.88
C LYS A 376 -7.63 -9.40 17.56
N VAL A 377 -7.44 -8.60 16.51
CA VAL A 377 -8.40 -7.55 16.12
C VAL A 377 -9.69 -8.23 15.63
N ALA A 378 -9.56 -9.33 14.88
CA ALA A 378 -10.69 -10.05 14.34
C ALA A 378 -11.50 -10.67 15.48
N ILE A 379 -10.83 -11.18 16.51
CA ILE A 379 -11.52 -11.78 17.68
C ILE A 379 -12.33 -10.69 18.37
N ALA A 380 -11.72 -9.51 18.53
CA ALA A 380 -12.40 -8.39 19.19
C ALA A 380 -13.62 -7.96 18.37
N ALA A 381 -13.45 -7.89 17.05
CA ALA A 381 -14.54 -7.47 16.15
C ALA A 381 -15.68 -8.49 16.23
N ALA A 382 -15.36 -9.77 16.11
CA ALA A 382 -16.37 -10.82 16.14
C ALA A 382 -17.10 -10.76 17.48
N SER A 383 -16.36 -10.46 18.54
CA SER A 383 -16.88 -10.44 19.89
C SER A 383 -17.83 -9.24 20.08
N MET A 384 -17.41 -8.06 19.62
CA MET A 384 -18.24 -6.84 19.70
C MET A 384 -19.50 -6.99 18.83
N TRP A 385 -19.37 -7.46 17.58
CA TRP A 385 -20.54 -7.61 16.71
C TRP A 385 -21.61 -8.53 17.33
N LYS A 386 -21.19 -9.66 17.91
CA LYS A 386 -22.12 -10.58 18.56
C LYS A 386 -22.79 -9.94 19.77
N ALA A 387 -21.98 -9.43 20.69
CA ALA A 387 -22.45 -8.91 21.97
C ALA A 387 -23.25 -7.63 21.75
N ASN A 388 -22.75 -6.73 20.89
CA ASN A 388 -23.38 -5.42 20.68
C ASN A 388 -24.74 -5.56 19.99
N THR A 389 -24.96 -6.67 19.26
CA THR A 389 -26.24 -6.90 18.58
C THR A 389 -27.08 -7.96 19.33
N LYS A 390 -26.70 -8.30 20.57
CA LYS A 390 -27.43 -9.25 21.39
C LYS A 390 -27.61 -10.58 20.63
N GLY A 391 -26.56 -11.03 19.92
CA GLY A 391 -26.54 -12.38 19.28
C GLY A 391 -27.00 -12.42 17.82
N LEU A 392 -27.25 -11.27 17.21
CA LEU A 392 -27.77 -11.22 15.83
C LEU A 392 -26.66 -11.42 14.78
N ILE A 393 -25.39 -11.29 15.17
CA ILE A 393 -24.26 -11.60 14.30
C ILE A 393 -23.39 -12.71 14.93
N ASP A 394 -22.94 -13.64 14.09
CA ASP A 394 -22.07 -14.72 14.50
C ASP A 394 -20.96 -14.86 13.47
N VAL A 395 -19.73 -14.48 13.88
CA VAL A 395 -18.59 -14.35 12.96
C VAL A 395 -17.59 -15.51 13.16
N LYS A 396 -17.12 -16.07 12.06
CA LYS A 396 -16.03 -17.04 12.07
C LYS A 396 -14.76 -16.28 11.60
N LEU A 397 -13.58 -16.82 11.92
CA LEU A 397 -12.30 -16.26 11.48
C LEU A 397 -11.70 -17.19 10.42
N GLU A 398 -11.16 -16.61 9.34
CA GLU A 398 -10.44 -17.38 8.35
C GLU A 398 -9.08 -16.74 8.05
N ASN A 399 -7.99 -17.32 8.58
CA ASN A 399 -6.64 -16.85 8.26
C ASN A 399 -6.17 -17.56 6.98
N GLN A 400 -5.50 -16.81 6.09
CA GLN A 400 -4.82 -17.38 4.93
C GLN A 400 -3.43 -16.76 4.82
N GLU A 401 -2.48 -17.53 4.29
CA GLU A 401 -1.16 -17.03 3.90
C GLU A 401 -1.34 -15.78 3.02
N TRP A 402 -0.41 -14.83 3.14
CA TRP A 402 -0.45 -13.52 2.45
C TRP A 402 -0.85 -13.65 0.97
N LYS A 403 -0.13 -14.48 0.21
CA LYS A 403 -0.38 -14.66 -1.22
C LYS A 403 -1.82 -15.09 -1.47
N THR A 404 -2.30 -16.06 -0.68
CA THR A 404 -3.61 -16.66 -0.86
C THR A 404 -4.69 -15.63 -0.48
N TYR A 405 -4.42 -14.90 0.59
CA TYR A 405 -5.30 -13.85 1.11
C TYR A 405 -5.52 -12.78 0.04
N ILE A 406 -4.43 -12.32 -0.59
CA ILE A 406 -4.51 -11.34 -1.67
C ILE A 406 -5.32 -11.95 -2.82
N ASP A 407 -5.02 -13.20 -3.20
CA ASP A 407 -5.74 -13.83 -4.30
C ASP A 407 -7.25 -13.87 -3.99
N SER A 408 -7.60 -14.28 -2.77
CA SER A 408 -9.01 -14.39 -2.35
C SER A 408 -9.73 -13.03 -2.45
N ARG A 409 -9.09 -11.96 -1.95
CA ARG A 409 -9.72 -10.62 -2.01
C ARG A 409 -9.97 -10.25 -3.48
N ARG A 410 -8.97 -10.49 -4.33
CA ARG A 410 -9.05 -10.05 -5.72
C ARG A 410 -10.10 -10.88 -6.49
N ALA A 411 -10.28 -12.15 -6.12
CA ALA A 411 -11.26 -13.01 -6.82
C ALA A 411 -12.66 -12.82 -6.24
N GLY A 412 -12.81 -11.99 -5.20
CA GLY A 412 -14.11 -11.81 -4.53
C GLY A 412 -14.53 -13.03 -3.72
N ARG A 413 -13.58 -13.91 -3.36
CA ARG A 413 -13.86 -15.13 -2.59
C ARG A 413 -13.77 -14.80 -1.09
N TYR A 414 -14.65 -13.92 -0.64
CA TYR A 414 -14.67 -13.45 0.73
C TYR A 414 -16.01 -12.75 1.01
N ASP A 415 -16.36 -12.65 2.30
CA ASP A 415 -17.53 -11.91 2.79
C ASP A 415 -17.05 -10.56 3.30
N VAL A 416 -16.21 -10.63 4.33
CA VAL A 416 -15.58 -9.50 4.98
C VAL A 416 -14.09 -9.85 5.05
N ALA A 417 -13.21 -8.90 4.70
CA ALA A 417 -11.72 -9.08 4.69
C ALA A 417 -11.03 -7.93 5.43
N ARG A 418 -10.14 -8.27 6.36
CA ARG A 418 -9.18 -7.30 6.84
C ARG A 418 -8.46 -6.66 5.65
N ALA A 419 -8.30 -5.33 5.70
CA ALA A 419 -7.67 -4.60 4.61
C ALA A 419 -6.89 -3.38 5.15
N GLY A 420 -5.63 -3.23 4.73
CA GLY A 420 -4.87 -2.04 5.02
C GLY A 420 -4.47 -1.37 3.73
N TRP A 421 -4.72 -0.07 3.60
CA TRP A 421 -4.23 0.72 2.52
C TRP A 421 -3.27 1.78 3.04
N HIS A 422 -2.03 1.76 2.54
CA HIS A 422 -1.01 2.75 2.77
C HIS A 422 -0.89 3.61 1.49
N ALA A 423 -0.81 4.92 1.69
CA ALA A 423 -0.67 5.89 0.65
C ALA A 423 0.47 5.50 -0.32
N ASP A 424 0.18 5.63 -1.62
CA ASP A 424 1.14 5.53 -2.68
C ASP A 424 1.85 6.88 -2.92
N TYR A 425 1.23 7.97 -2.47
CA TYR A 425 1.79 9.31 -2.57
C TYR A 425 1.03 10.19 -1.59
N ASN A 426 1.66 11.26 -1.12
CA ASN A 426 1.15 12.02 0.00
C ASN A 426 0.12 13.05 -0.51
N GLN A 427 -1.00 12.54 -1.03
CA GLN A 427 -2.12 13.37 -1.45
C GLN A 427 -3.39 12.52 -1.46
N ALA A 428 -4.52 13.16 -1.09
CA ALA A 428 -5.80 12.47 -0.77
C ALA A 428 -6.22 11.43 -1.83
N THR A 429 -5.97 11.68 -3.12
CA THR A 429 -6.50 10.84 -4.17
C THR A 429 -5.89 9.43 -4.12
N THR A 430 -4.72 9.24 -3.51
CA THR A 430 -4.21 7.86 -3.36
C THR A 430 -5.27 6.99 -2.64
N PHE A 431 -6.08 7.61 -1.78
CA PHE A 431 -7.21 6.92 -1.12
C PHE A 431 -8.45 7.05 -1.98
N GLY A 432 -8.79 8.30 -2.36
CA GLY A 432 -10.00 8.59 -3.15
C GLY A 432 -10.18 7.64 -4.34
N ASN A 433 -9.10 7.43 -5.10
CA ASN A 433 -9.14 6.73 -6.38
C ASN A 433 -9.41 5.23 -6.19
N TYR A 434 -9.16 4.70 -4.98
CA TYR A 434 -9.30 3.28 -4.68
C TYR A 434 -10.73 2.81 -4.94
N PHE A 435 -11.70 3.68 -4.64
CA PHE A 435 -13.14 3.32 -4.62
C PHE A 435 -13.87 3.77 -5.90
N LEU A 436 -13.15 4.24 -6.92
CA LEU A 436 -13.74 4.43 -8.23
C LEU A 436 -14.25 3.08 -8.72
N SER A 437 -15.41 3.08 -9.36
CA SER A 437 -16.05 1.82 -9.74
C SER A 437 -15.13 1.00 -10.65
N ASN A 438 -14.31 1.68 -11.47
CA ASN A 438 -13.46 1.04 -12.47
C ASN A 438 -12.01 0.89 -11.96
N SER A 439 -11.73 1.13 -10.68
CA SER A 439 -10.35 1.05 -10.16
C SER A 439 -9.93 -0.42 -10.08
N SER A 440 -8.75 -0.76 -10.60
CA SER A 440 -8.18 -2.12 -10.48
C SER A 440 -7.88 -2.44 -9.00
N ASN A 441 -7.83 -1.43 -8.13
CA ASN A 441 -7.54 -1.66 -6.72
C ASN A 441 -8.82 -1.95 -5.91
N ASN A 442 -10.01 -1.81 -6.50
CA ASN A 442 -11.29 -1.81 -5.77
C ASN A 442 -11.78 -3.27 -5.61
N THR A 443 -11.23 -3.97 -4.62
CA THR A 443 -11.57 -5.37 -4.36
C THR A 443 -12.86 -5.50 -3.52
N ALA A 444 -13.37 -4.37 -3.00
CA ALA A 444 -14.66 -4.27 -2.38
C ALA A 444 -15.80 -4.39 -3.41
N LYS A 445 -15.51 -4.13 -4.68
CA LYS A 445 -16.51 -4.05 -5.76
C LYS A 445 -17.58 -3.01 -5.37
N TYR A 446 -17.13 -1.93 -4.74
CA TYR A 446 -17.94 -0.79 -4.50
C TYR A 446 -18.11 -0.02 -5.81
N ALA A 447 -19.33 0.45 -6.07
CA ALA A 447 -19.64 1.18 -7.32
C ALA A 447 -20.79 2.15 -7.08
N ASN A 448 -20.48 3.45 -7.11
CA ASN A 448 -21.50 4.50 -7.07
C ASN A 448 -21.11 5.53 -8.12
N PRO A 449 -21.92 5.72 -9.19
CA PRO A 449 -21.62 6.71 -10.21
C PRO A 449 -21.44 8.13 -9.64
N GLU A 450 -22.12 8.43 -8.54
CA GLU A 450 -22.00 9.73 -7.88
C GLU A 450 -20.61 9.86 -7.22
N TYR A 451 -20.07 8.75 -6.72
CA TYR A 451 -18.73 8.76 -6.13
C TYR A 451 -17.72 9.10 -7.23
N ASP A 452 -17.78 8.32 -8.32
CA ASP A 452 -16.98 8.51 -9.52
C ASP A 452 -17.06 9.95 -10.02
N LYS A 453 -18.28 10.52 -10.10
CA LYS A 453 -18.43 11.91 -10.53
C LYS A 453 -17.75 12.90 -9.57
N ALA A 454 -17.79 12.65 -8.25
CA ALA A 454 -17.17 13.58 -7.31
C ALA A 454 -15.65 13.61 -7.53
N MET A 455 -15.05 12.43 -7.76
CA MET A 455 -13.62 12.32 -7.98
C MET A 455 -13.25 12.88 -9.35
N ALA A 456 -14.10 12.62 -10.34
CA ALA A 456 -13.85 13.14 -11.70
C ALA A 456 -13.85 14.68 -11.66
N GLU A 457 -14.76 15.27 -10.90
CA GLU A 457 -14.85 16.75 -10.81
C GLU A 457 -13.61 17.31 -10.10
N SER A 458 -12.99 16.51 -9.23
CA SER A 458 -11.79 16.92 -8.49
C SER A 458 -10.59 17.14 -9.44
N TYR A 459 -10.54 16.35 -10.52
CA TYR A 459 -9.34 16.27 -11.35
C TYR A 459 -9.28 17.45 -12.32
N ALA A 460 -10.37 18.20 -12.45
CA ALA A 460 -10.40 19.43 -13.25
C ALA A 460 -10.01 20.64 -12.39
N ALA A 461 -10.30 20.58 -11.08
CA ALA A 461 -10.04 21.67 -10.12
C ALA A 461 -8.60 22.19 -10.26
N THR A 462 -8.44 23.51 -10.14
CA THR A 462 -7.14 24.15 -10.40
C THR A 462 -6.48 24.61 -9.09
N ASP A 463 -7.12 24.33 -7.95
CA ASP A 463 -6.74 24.90 -6.67
C ASP A 463 -6.87 23.81 -5.60
N ALA A 464 -6.10 23.92 -4.52
CA ALA A 464 -6.12 22.94 -3.41
C ALA A 464 -7.48 22.85 -2.70
N GLU A 465 -8.15 24.00 -2.52
CA GLU A 465 -9.45 24.04 -1.82
C GLU A 465 -10.50 23.31 -2.66
N GLY A 466 -10.51 23.54 -3.98
CA GLY A 466 -11.43 22.92 -4.90
C GLY A 466 -11.27 21.41 -4.93
N ARG A 467 -10.01 20.94 -4.88
CA ARG A 467 -9.71 19.51 -4.80
C ARG A 467 -10.23 18.97 -3.46
N ALA A 468 -9.90 19.65 -2.36
CA ALA A 468 -10.20 19.21 -0.98
C ALA A 468 -11.72 19.08 -0.76
N LYS A 469 -12.50 19.98 -1.38
CA LYS A 469 -13.96 20.00 -1.29
C LYS A 469 -14.55 18.78 -2.01
N ALA A 470 -13.97 18.42 -3.16
CA ALA A 470 -14.47 17.30 -3.93
C ALA A 470 -14.18 15.99 -3.18
N TYR A 471 -12.97 15.89 -2.62
CA TYR A 471 -12.60 14.72 -1.82
C TYR A 471 -13.53 14.59 -0.62
N ALA A 472 -13.91 15.71 0.04
CA ALA A 472 -14.83 15.67 1.15
C ALA A 472 -16.19 15.13 0.67
N LYS A 473 -16.65 15.56 -0.51
CA LYS A 473 -17.90 15.05 -1.07
C LYS A 473 -17.80 13.54 -1.36
N ALA A 474 -16.69 13.08 -1.92
CA ALA A 474 -16.49 11.64 -2.24
C ALA A 474 -16.59 10.80 -0.96
N GLU A 475 -15.90 11.24 0.10
CA GLU A 475 -15.94 10.49 1.37
C GLU A 475 -17.36 10.45 1.94
N GLU A 476 -18.09 11.57 1.85
CA GLU A 476 -19.49 11.63 2.29
C GLU A 476 -20.33 10.59 1.56
N ILE A 477 -20.19 10.45 0.23
CA ILE A 477 -20.96 9.47 -0.57
C ILE A 477 -20.60 8.03 -0.18
N LEU A 478 -19.28 7.74 -0.13
CA LEU A 478 -18.77 6.43 0.32
C LEU A 478 -19.26 6.14 1.75
N GLY A 479 -19.32 7.18 2.59
CA GLY A 479 -19.76 7.02 3.96
C GLY A 479 -21.23 6.68 4.07
N LYS A 480 -22.06 7.41 3.30
CA LYS A 480 -23.49 7.20 3.34
C LYS A 480 -23.86 5.84 2.73
N ASP A 481 -23.00 5.26 1.91
CA ASP A 481 -23.19 3.93 1.28
C ASP A 481 -22.63 2.81 2.17
N TYR A 482 -21.92 3.19 3.24
CA TYR A 482 -21.29 2.28 4.17
C TYR A 482 -20.51 1.22 3.39
N GLY A 483 -19.74 1.65 2.38
CA GLY A 483 -19.07 0.74 1.44
C GLY A 483 -18.10 -0.21 2.12
N ILE A 484 -17.41 0.29 3.14
CA ILE A 484 -16.50 -0.52 3.94
C ILE A 484 -16.71 -0.18 5.42
N VAL A 485 -15.89 -0.79 6.27
CA VAL A 485 -15.86 -0.52 7.73
C VAL A 485 -14.47 -0.01 8.09
N PRO A 486 -14.18 1.30 7.97
CA PRO A 486 -12.91 1.86 8.42
C PRO A 486 -12.78 1.67 9.94
N ILE A 487 -11.55 1.42 10.42
CA ILE A 487 -11.34 1.16 11.85
C ILE A 487 -10.32 2.14 12.43
N PHE A 488 -9.11 2.21 11.85
CA PHE A 488 -8.08 3.08 12.43
C PHE A 488 -7.07 3.56 11.39
N ASN A 489 -6.38 4.66 11.74
CA ASN A 489 -5.27 5.20 11.00
C ASN A 489 -4.00 4.68 11.67
N TYR A 490 -3.09 4.17 10.85
CA TYR A 490 -1.95 3.44 11.30
C TYR A 490 -0.93 4.30 12.03
N VAL A 491 -0.24 3.63 12.94
CA VAL A 491 1.14 3.90 13.22
C VAL A 491 1.90 2.61 12.86
N ASN A 492 3.22 2.73 12.68
CA ASN A 492 4.04 1.62 12.22
C ASN A 492 5.08 1.40 13.32
N PRO A 493 4.76 0.64 14.37
CA PRO A 493 5.73 0.35 15.41
C PRO A 493 6.78 -0.66 14.91
N ARG A 494 8.06 -0.37 15.12
CA ARG A 494 9.13 -1.23 14.63
C ARG A 494 10.22 -1.24 15.70
N LEU A 495 10.88 -2.40 15.86
CA LEU A 495 12.12 -2.40 16.60
C LEU A 495 13.27 -2.30 15.60
N VAL A 496 14.25 -1.42 15.92
CA VAL A 496 15.41 -1.15 15.10
C VAL A 496 16.66 -1.09 16.00
N LYS A 497 17.65 -1.95 15.70
CA LYS A 497 18.84 -2.03 16.55
C LYS A 497 19.56 -0.69 16.61
N PRO A 498 20.24 -0.38 17.74
CA PRO A 498 20.93 0.90 17.91
C PRO A 498 22.09 1.10 16.93
N TYR A 499 22.57 0.01 16.34
CA TYR A 499 23.66 0.08 15.39
C TYR A 499 23.15 0.30 13.96
N VAL A 500 21.83 0.26 13.74
CA VAL A 500 21.26 0.56 12.44
C VAL A 500 20.95 2.05 12.38
N LYS A 501 21.50 2.74 11.39
CA LYS A 501 21.23 4.14 11.16
C LYS A 501 20.64 4.31 9.76
N GLY A 502 19.96 5.46 9.56
CA GLY A 502 19.31 5.81 8.31
C GLY A 502 17.81 5.47 8.29
N TYR A 503 17.27 4.95 9.39
CA TYR A 503 15.85 4.76 9.55
C TYR A 503 15.32 5.90 10.42
N SER A 504 14.44 6.75 9.87
CA SER A 504 14.15 8.07 10.52
C SER A 504 13.03 7.96 11.56
N GLY A 505 12.04 7.10 11.28
CA GLY A 505 10.78 7.15 11.96
C GLY A 505 9.93 8.37 11.58
N LYS A 506 10.14 8.95 10.39
CA LYS A 506 9.41 10.17 9.96
C LYS A 506 8.95 10.07 8.50
N ASP A 507 9.12 8.91 7.88
CA ASP A 507 8.68 8.74 6.51
C ASP A 507 7.20 8.38 6.57
N PRO A 508 6.28 9.24 6.08
CA PRO A 508 4.85 8.95 6.11
C PRO A 508 4.41 7.69 5.35
N GLN A 509 5.27 7.14 4.48
CA GLN A 509 4.98 5.85 3.76
C GLN A 509 5.83 4.70 4.31
N ASP A 510 6.72 5.03 5.27
CA ASP A 510 7.62 4.13 5.99
C ASP A 510 8.27 3.15 5.00
N HIS A 511 8.87 3.68 3.93
CA HIS A 511 9.68 2.87 3.00
C HIS A 511 11.01 2.53 3.68
N ILE A 512 11.56 1.37 3.35
CA ILE A 512 12.94 1.07 3.69
C ILE A 512 13.70 0.76 2.40
N TYR A 513 14.59 1.67 2.05
CA TYR A 513 15.58 1.48 1.03
C TYR A 513 16.90 1.09 1.69
N LEU A 514 17.41 -0.11 1.35
CA LEU A 514 18.67 -0.53 1.86
C LEU A 514 19.75 0.52 1.59
N ARG A 515 19.68 1.26 0.48
CA ARG A 515 20.72 2.20 0.10
C ARG A 515 20.68 3.45 1.01
N ASN A 516 19.67 3.53 1.88
CA ASN A 516 19.56 4.68 2.82
C ASN A 516 20.09 4.30 4.19
N LEU A 517 20.47 3.02 4.38
CA LEU A 517 20.86 2.56 5.71
C LEU A 517 22.40 2.41 5.81
N TYR A 518 22.87 2.29 7.05
CA TYR A 518 24.27 1.98 7.32
C TYR A 518 24.40 1.53 8.77
N ILE A 519 25.41 0.68 9.01
CA ILE A 519 25.68 0.04 10.31
C ILE A 519 26.91 0.74 10.91
N ILE A 520 26.78 1.18 12.17
CA ILE A 520 27.87 1.81 12.89
C ILE A 520 28.41 0.79 13.91
N LYS A 521 29.63 1.05 14.40
CA LYS A 521 30.23 0.32 15.51
C LYS A 521 30.06 1.15 16.78
N LYS B 1 -0.87 0.98 -1.59
CA LYS B 1 -0.32 -0.44 -1.50
C LYS B 1 -1.05 -1.15 -0.35
N LYS B 2 -1.27 -2.46 -0.52
CA LYS B 2 -1.95 -3.28 0.48
C LYS B 2 -0.96 -3.61 1.59
N LYS B 3 -1.27 -3.22 2.83
CA LYS B 3 -0.49 -3.52 4.05
C LYS B 3 -0.65 -4.98 4.46
#